data_2MJ9
#
_entry.id   2MJ9
#
_entity_poly.entity_id   1
_entity_poly.type   'polypeptide(L)'
_entity_poly.pdbx_seq_one_letter_code
;HGEGTFTSDLSKQMEEE(DAL)VRLYIQWLKEGGPSSGRPPPS
;
_entity_poly.pdbx_strand_id   A
#
# COMPACT_ATOMS: atom_id res chain seq x y z
N HIS A 1 10.30 -12.27 -16.06
CA HIS A 1 10.23 -13.70 -15.66
C HIS A 1 9.49 -13.88 -14.34
N GLY A 2 8.79 -15.00 -14.20
CA GLY A 2 8.04 -15.25 -12.99
C GLY A 2 8.17 -16.69 -12.53
N GLU A 3 7.90 -16.93 -11.25
CA GLU A 3 7.98 -18.27 -10.69
C GLU A 3 6.65 -18.69 -10.07
N GLY A 4 5.56 -18.17 -10.62
CA GLY A 4 4.24 -18.50 -10.12
C GLY A 4 3.80 -17.57 -9.01
N THR A 5 4.24 -17.87 -7.79
CA THR A 5 3.88 -17.05 -6.63
C THR A 5 2.37 -17.02 -6.43
N PHE A 6 1.92 -16.14 -5.53
CA PHE A 6 0.49 -16.01 -5.25
C PHE A 6 0.12 -14.55 -5.00
N THR A 7 0.40 -13.71 -5.99
CA THR A 7 0.09 -12.28 -5.88
C THR A 7 -0.38 -11.73 -7.22
N SER A 8 -1.31 -10.78 -7.17
CA SER A 8 -1.84 -10.16 -8.38
C SER A 8 -2.93 -9.15 -8.02
N ASP A 9 -3.71 -9.47 -7.00
CA ASP A 9 -4.79 -8.58 -6.56
C ASP A 9 -4.36 -7.74 -5.38
N LEU A 10 -3.07 -7.46 -5.31
CA LEU A 10 -2.54 -6.62 -4.26
C LEU A 10 -1.89 -5.39 -4.85
N SER A 11 -2.10 -5.20 -6.15
CA SER A 11 -1.56 -4.07 -6.85
C SER A 11 -2.67 -3.21 -7.43
N LYS A 12 -3.79 -3.86 -7.72
CA LYS A 12 -4.94 -3.20 -8.29
C LYS A 12 -6.19 -3.42 -7.47
N GLN A 13 -6.12 -4.38 -6.58
CA GLN A 13 -7.26 -4.73 -5.75
C GLN A 13 -6.97 -4.54 -4.27
N MET A 14 -5.75 -4.85 -3.85
CA MET A 14 -5.40 -4.66 -2.46
C MET A 14 -4.54 -3.40 -2.37
N GLU A 15 -3.99 -3.01 -3.51
CA GLU A 15 -3.22 -1.81 -3.59
C GLU A 15 -4.17 -0.69 -3.96
N GLU A 16 -5.20 -1.01 -4.78
CA GLU A 16 -6.19 0.00 -5.12
C GLU A 16 -6.67 0.66 -3.84
N GLU A 17 -6.76 -0.17 -2.80
CA GLU A 17 -7.15 0.27 -1.48
C GLU A 17 -5.89 0.65 -0.70
N VAL A 19 -3.46 2.12 -1.67
CA VAL A 19 -3.16 3.51 -2.00
C VAL A 19 -4.06 4.42 -1.16
N ARG A 20 -5.28 3.95 -0.91
CA ARG A 20 -6.23 4.70 -0.11
C ARG A 20 -5.71 4.82 1.32
N LEU A 21 -5.10 3.75 1.81
CA LEU A 21 -4.54 3.75 3.16
C LEU A 21 -3.09 4.24 3.14
N TYR A 22 -2.43 4.01 2.02
CA TYR A 22 -1.07 4.46 1.85
C TYR A 22 -1.09 5.96 1.79
N ILE A 23 -1.98 6.46 0.96
CA ILE A 23 -2.16 7.88 0.84
C ILE A 23 -2.68 8.39 2.18
N GLN A 24 -3.42 7.52 2.89
CA GLN A 24 -3.91 7.87 4.22
C GLN A 24 -2.71 8.03 5.14
N TRP A 25 -1.81 7.05 5.07
CA TRP A 25 -0.57 7.07 5.82
C TRP A 25 0.15 8.37 5.50
N LEU A 26 -0.05 8.83 4.28
CA LEU A 26 0.55 10.07 3.81
C LEU A 26 -0.30 11.27 4.20
N LYS A 27 -1.61 11.06 4.31
CA LYS A 27 -2.53 12.13 4.67
C LYS A 27 -2.01 12.87 5.90
N GLU A 28 -1.36 12.14 6.80
CA GLU A 28 -0.80 12.72 8.01
C GLU A 28 0.64 13.14 7.81
N GLY A 29 1.31 12.51 6.85
CA GLY A 29 2.70 12.83 6.58
C GLY A 29 3.58 11.61 6.72
N GLY A 30 2.97 10.43 6.58
CA GLY A 30 3.67 9.16 6.68
C GLY A 30 5.04 9.25 7.30
N PRO A 31 6.03 9.64 6.50
CA PRO A 31 7.42 9.77 6.94
C PRO A 31 7.65 11.02 7.78
N SER A 32 6.92 11.13 8.88
CA SER A 32 7.06 12.29 9.77
C SER A 32 6.12 12.16 10.97
N SER A 33 4.91 11.67 10.72
CA SER A 33 3.92 11.50 11.79
C SER A 33 4.46 10.63 12.91
N GLY A 34 4.58 9.33 12.65
CA GLY A 34 5.09 8.42 13.64
C GLY A 34 4.76 6.97 13.33
N ARG A 35 4.91 6.60 12.06
CA ARG A 35 4.63 5.24 11.62
C ARG A 35 5.28 4.96 10.27
N PRO A 36 5.44 3.69 9.90
CA PRO A 36 6.05 3.29 8.64
C PRO A 36 5.02 3.25 7.51
N PRO A 37 5.48 3.14 6.27
CA PRO A 37 4.62 3.10 5.10
C PRO A 37 4.06 1.70 4.84
N PRO A 38 2.77 1.61 4.44
CA PRO A 38 2.11 0.33 4.17
C PRO A 38 2.76 -0.40 2.98
N SER A 39 2.06 -1.43 2.48
CA SER A 39 2.57 -2.20 1.35
C SER A 39 2.18 -1.55 0.03
N HIS A 1 -2.34 -26.48 -1.96
CA HIS A 1 -2.64 -25.04 -1.82
C HIS A 1 -1.45 -24.18 -2.24
N GLY A 2 -1.73 -23.03 -2.82
CA GLY A 2 -0.67 -22.13 -3.26
C GLY A 2 -0.71 -20.78 -2.56
N GLU A 3 -1.91 -20.30 -2.28
CA GLU A 3 -2.09 -19.02 -1.62
C GLU A 3 -1.50 -17.89 -2.45
N GLY A 4 -1.69 -16.66 -2.00
CA GLY A 4 -1.19 -15.50 -2.72
C GLY A 4 0.30 -15.30 -2.51
N THR A 5 1.11 -15.91 -3.37
CA THR A 5 2.55 -15.80 -3.28
C THR A 5 3.12 -15.05 -4.49
N PHE A 6 2.32 -14.13 -5.02
CA PHE A 6 2.75 -13.34 -6.18
C PHE A 6 2.00 -12.00 -6.22
N THR A 7 2.24 -11.23 -7.28
CA THR A 7 1.59 -9.94 -7.44
C THR A 7 0.44 -10.02 -8.43
N SER A 8 -0.65 -9.32 -8.13
CA SER A 8 -1.82 -9.31 -9.01
C SER A 8 -2.97 -8.53 -8.36
N ASP A 9 -3.57 -9.12 -7.32
CA ASP A 9 -4.69 -8.47 -6.64
C ASP A 9 -4.22 -7.70 -5.43
N LEU A 10 -2.98 -7.27 -5.47
CA LEU A 10 -2.42 -6.46 -4.41
C LEU A 10 -1.80 -5.23 -5.01
N SER A 11 -2.13 -5.01 -6.27
CA SER A 11 -1.63 -3.87 -7.02
C SER A 11 -2.80 -3.04 -7.53
N LYS A 12 -3.91 -3.73 -7.76
CA LYS A 12 -5.12 -3.10 -8.27
C LYS A 12 -6.31 -3.40 -7.40
N GLN A 13 -6.15 -4.36 -6.52
CA GLN A 13 -7.24 -4.78 -5.64
C GLN A 13 -6.90 -4.57 -4.19
N MET A 14 -5.64 -4.84 -3.82
CA MET A 14 -5.24 -4.60 -2.44
C MET A 14 -4.44 -3.32 -2.40
N GLU A 15 -3.94 -2.93 -3.57
CA GLU A 15 -3.23 -1.70 -3.69
C GLU A 15 -4.24 -0.62 -3.98
N GLU A 16 -5.30 -0.97 -4.75
CA GLU A 16 -6.36 -0.01 -5.03
C GLU A 16 -6.80 0.62 -3.71
N GLU A 17 -6.80 -0.22 -2.68
CA GLU A 17 -7.14 0.20 -1.33
C GLU A 17 -5.85 0.61 -0.62
N VAL A 19 -3.47 2.15 -1.72
CA VAL A 19 -3.22 3.55 -2.04
C VAL A 19 -4.13 4.42 -1.18
N ARG A 20 -5.34 3.92 -0.92
CA ARG A 20 -6.28 4.64 -0.09
C ARG A 20 -5.74 4.79 1.32
N LEU A 21 -5.07 3.73 1.79
CA LEU A 21 -4.48 3.75 3.13
C LEU A 21 -3.05 4.27 3.08
N TYR A 22 -2.39 4.04 1.96
CA TYR A 22 -1.04 4.52 1.77
C TYR A 22 -1.09 6.02 1.70
N ILE A 23 -2.02 6.50 0.88
CA ILE A 23 -2.23 7.90 0.75
C ILE A 23 -2.73 8.42 2.10
N GLN A 24 -3.45 7.55 2.83
CA GLN A 24 -3.94 7.90 4.16
C GLN A 24 -2.72 8.08 5.06
N TRP A 25 -1.82 7.10 4.98
CA TRP A 25 -0.57 7.14 5.72
C TRP A 25 0.14 8.44 5.40
N LEU A 26 -0.11 8.92 4.18
CA LEU A 26 0.47 10.17 3.70
C LEU A 26 -0.40 11.35 4.09
N LYS A 27 -1.71 11.13 4.18
CA LYS A 27 -2.64 12.19 4.54
C LYS A 27 -2.17 12.92 5.80
N GLU A 28 -1.43 12.20 6.65
CA GLU A 28 -0.91 12.77 7.88
C GLU A 28 0.54 13.21 7.71
N GLY A 29 1.24 12.59 6.76
CA GLY A 29 2.63 12.92 6.52
C GLY A 29 3.53 11.71 6.67
N GLY A 30 2.93 10.52 6.50
CA GLY A 30 3.64 9.26 6.60
C GLY A 30 5.01 9.35 7.22
N PRO A 31 5.98 9.79 6.44
CA PRO A 31 7.37 9.93 6.88
C PRO A 31 7.57 11.14 7.78
N SER A 32 6.84 11.18 8.90
CA SER A 32 6.95 12.29 9.84
C SER A 32 6.04 12.07 11.05
N SER A 33 4.84 11.57 10.80
CA SER A 33 3.88 11.29 11.86
C SER A 33 4.45 10.31 12.87
N GLY A 34 5.24 9.36 12.39
CA GLY A 34 5.83 8.37 13.26
C GLY A 34 5.19 7.01 13.12
N ARG A 35 5.19 6.47 11.90
CA ARG A 35 4.60 5.17 11.64
C ARG A 35 5.23 4.52 10.40
N PRO A 36 5.26 3.18 10.37
CA PRO A 36 5.85 2.44 9.25
C PRO A 36 4.91 2.40 8.04
N PRO A 37 5.22 3.15 6.97
CA PRO A 37 4.40 3.19 5.77
C PRO A 37 3.94 1.81 5.32
N PRO A 38 2.80 1.72 4.63
CA PRO A 38 2.25 0.45 4.14
C PRO A 38 3.03 -0.09 2.94
N SER A 39 2.48 -1.09 2.28
CA SER A 39 3.12 -1.70 1.12
C SER A 39 2.14 -1.88 -0.02
N HIS A 1 9.34 -10.29 -0.71
CA HIS A 1 10.03 -10.46 0.60
C HIS A 1 10.69 -11.83 0.69
N GLY A 2 11.17 -12.33 -0.43
CA GLY A 2 11.83 -13.63 -0.45
C GLY A 2 11.88 -14.23 -1.84
N GLU A 3 10.73 -14.69 -2.33
CA GLU A 3 10.66 -15.30 -3.66
C GLU A 3 9.57 -14.64 -4.49
N GLY A 4 8.38 -14.52 -3.91
CA GLY A 4 7.27 -13.89 -4.62
C GLY A 4 6.87 -14.66 -5.86
N THR A 5 5.59 -14.60 -6.22
CA THR A 5 5.09 -15.30 -7.39
C THR A 5 3.78 -14.66 -7.87
N PHE A 6 2.87 -14.39 -6.93
CA PHE A 6 1.59 -13.79 -7.26
C PHE A 6 1.63 -12.27 -7.05
N THR A 7 1.05 -11.53 -7.99
CA THR A 7 1.02 -10.08 -7.91
C THR A 7 0.00 -9.51 -8.89
N SER A 8 -1.28 -9.72 -8.60
CA SER A 8 -2.34 -9.22 -9.47
C SER A 8 -3.42 -8.48 -8.69
N ASP A 9 -3.79 -9.02 -7.53
CA ASP A 9 -4.83 -8.39 -6.70
C ASP A 9 -4.25 -7.64 -5.52
N LEU A 10 -3.00 -7.24 -5.65
CA LEU A 10 -2.37 -6.46 -4.60
C LEU A 10 -1.77 -5.21 -5.21
N SER A 11 -2.19 -4.93 -6.42
CA SER A 11 -1.74 -3.77 -7.16
C SER A 11 -2.95 -2.94 -7.60
N LYS A 12 -4.04 -3.65 -7.84
CA LYS A 12 -5.27 -3.04 -8.28
C LYS A 12 -6.44 -3.40 -7.38
N GLN A 13 -6.21 -4.35 -6.51
CA GLN A 13 -7.26 -4.81 -5.60
C GLN A 13 -6.86 -4.63 -4.15
N MET A 14 -5.60 -4.89 -3.84
CA MET A 14 -5.15 -4.68 -2.46
C MET A 14 -4.37 -3.40 -2.43
N GLU A 15 -3.90 -2.98 -3.60
CA GLU A 15 -3.21 -1.73 -3.72
C GLU A 15 -4.24 -0.65 -3.97
N GLU A 16 -5.31 -1.00 -4.71
CA GLU A 16 -6.39 -0.05 -4.96
C GLU A 16 -6.80 0.56 -3.62
N GLU A 17 -6.79 -0.30 -2.61
CA GLU A 17 -7.10 0.10 -1.25
C GLU A 17 -5.81 0.54 -0.57
N VAL A 19 -3.43 2.16 -1.73
CA VAL A 19 -3.22 3.57 -2.03
C VAL A 19 -4.15 4.41 -1.17
N ARG A 20 -5.32 3.88 -0.89
CA ARG A 20 -6.30 4.59 -0.07
C ARG A 20 -5.76 4.74 1.34
N LEU A 21 -5.08 3.70 1.83
CA LEU A 21 -4.50 3.75 3.17
C LEU A 21 -3.07 4.25 3.13
N TYR A 22 -2.41 4.03 2.01
CA TYR A 22 -1.06 4.50 1.82
C TYR A 22 -1.10 6.00 1.74
N ILE A 23 -2.02 6.47 0.91
CA ILE A 23 -2.22 7.89 0.76
C ILE A 23 -2.73 8.42 2.10
N GLN A 24 -3.46 7.56 2.83
CA GLN A 24 -3.95 7.93 4.16
C GLN A 24 -2.74 8.11 5.05
N TRP A 25 -1.85 7.12 5.02
CA TRP A 25 -0.60 7.16 5.77
C TRP A 25 0.12 8.45 5.43
N LEU A 26 -0.11 8.90 4.20
CA LEU A 26 0.49 10.13 3.70
C LEU A 26 -0.36 11.34 4.07
N LYS A 27 -1.68 11.13 4.15
CA LYS A 27 -2.59 12.22 4.50
C LYS A 27 -2.09 12.97 5.74
N GLU A 28 -1.40 12.26 6.60
CA GLU A 28 -0.86 12.84 7.82
C GLU A 28 0.60 13.26 7.63
N GLY A 29 1.28 12.60 6.69
CA GLY A 29 2.67 12.91 6.43
C GLY A 29 3.55 11.69 6.60
N GLY A 30 2.93 10.52 6.47
CA GLY A 30 3.63 9.24 6.59
C GLY A 30 5.00 9.33 7.23
N PRO A 31 5.99 9.72 6.43
CA PRO A 31 7.37 9.86 6.88
C PRO A 31 7.59 11.12 7.71
N SER A 32 6.80 11.29 8.76
CA SER A 32 6.91 12.45 9.64
C SER A 32 6.14 12.23 10.93
N SER A 33 4.92 11.71 10.80
CA SER A 33 4.08 11.44 11.96
C SER A 33 4.76 10.49 12.93
N GLY A 34 4.90 9.23 12.51
CA GLY A 34 5.52 8.23 13.36
C GLY A 34 4.93 6.85 13.18
N ARG A 35 5.08 6.29 11.99
CA ARG A 35 4.56 4.95 11.70
C ARG A 35 5.21 4.36 10.46
N PRO A 36 5.24 3.02 10.35
CA PRO A 36 5.83 2.33 9.22
C PRO A 36 4.90 2.31 8.00
N PRO A 37 5.23 3.06 6.95
CA PRO A 37 4.41 3.13 5.73
C PRO A 37 3.92 1.75 5.28
N PRO A 38 2.76 1.70 4.62
CA PRO A 38 2.19 0.44 4.13
C PRO A 38 2.89 -0.08 2.89
N SER A 39 2.28 -1.06 2.23
CA SER A 39 2.85 -1.65 1.03
C SER A 39 2.89 -0.63 -0.10
N HIS A 1 -0.38 -13.97 -23.91
CA HIS A 1 -0.71 -14.78 -22.71
C HIS A 1 -0.25 -14.10 -21.43
N GLY A 2 -1.17 -13.39 -20.78
CA GLY A 2 -0.83 -12.70 -19.55
C GLY A 2 -1.75 -13.06 -18.40
N GLU A 3 -2.44 -12.06 -17.86
CA GLU A 3 -3.36 -12.28 -16.75
C GLU A 3 -2.63 -12.85 -15.55
N GLY A 4 -3.36 -13.06 -14.45
CA GLY A 4 -2.76 -13.59 -13.24
C GLY A 4 -3.53 -14.79 -12.70
N THR A 5 -2.93 -15.50 -11.76
CA THR A 5 -3.56 -16.66 -11.15
C THR A 5 -3.04 -16.89 -9.74
N PHE A 6 -2.61 -15.82 -9.08
CA PHE A 6 -2.09 -15.90 -7.72
C PHE A 6 -1.73 -14.52 -7.19
N THR A 7 -1.16 -13.69 -8.06
CA THR A 7 -0.77 -12.33 -7.68
C THR A 7 -1.08 -11.35 -8.80
N SER A 8 -2.15 -10.57 -8.62
CA SER A 8 -2.56 -9.60 -9.63
C SER A 8 -3.50 -8.55 -9.06
N ASP A 9 -4.35 -8.96 -8.11
CA ASP A 9 -5.30 -8.04 -7.49
C ASP A 9 -4.73 -7.38 -6.25
N LEU A 10 -3.45 -7.07 -6.31
CA LEU A 10 -2.80 -6.39 -5.22
C LEU A 10 -2.11 -5.14 -5.73
N SER A 11 -2.45 -4.80 -6.97
CA SER A 11 -1.90 -3.63 -7.62
C SER A 11 -3.03 -2.70 -8.03
N LYS A 12 -4.16 -3.30 -8.34
CA LYS A 12 -5.33 -2.56 -8.77
C LYS A 12 -6.53 -2.87 -7.89
N GLN A 13 -6.41 -3.89 -7.08
CA GLN A 13 -7.50 -4.30 -6.22
C GLN A 13 -7.12 -4.23 -4.75
N MET A 14 -5.89 -4.61 -4.43
CA MET A 14 -5.45 -4.52 -3.05
C MET A 14 -4.57 -3.29 -2.92
N GLU A 15 -4.08 -2.83 -4.07
CA GLU A 15 -3.29 -1.64 -4.10
C GLU A 15 -4.24 -0.47 -4.30
N GLU A 16 -5.32 -0.70 -5.08
CA GLU A 16 -6.32 0.34 -5.28
C GLU A 16 -6.70 0.91 -3.92
N GLU A 17 -6.77 -0.01 -2.96
CA GLU A 17 -7.07 0.35 -1.57
C GLU A 17 -5.77 0.68 -0.86
N VAL A 19 -3.29 2.20 -1.92
CA VAL A 19 -3.02 3.60 -2.18
C VAL A 19 -3.97 4.44 -1.33
N ARG A 20 -5.18 3.94 -1.15
CA ARG A 20 -6.16 4.65 -0.34
C ARG A 20 -5.69 4.74 1.10
N LEU A 21 -5.05 3.67 1.57
CA LEU A 21 -4.54 3.67 2.94
C LEU A 21 -3.10 4.15 2.99
N TYR A 22 -2.38 3.93 1.90
CA TYR A 22 -1.01 4.39 1.80
C TYR A 22 -1.04 5.89 1.74
N ILE A 23 -1.93 6.39 0.89
CA ILE A 23 -2.11 7.80 0.77
C ILE A 23 -2.72 8.32 2.07
N GLN A 24 -3.50 7.44 2.73
CA GLN A 24 -4.08 7.80 4.02
C GLN A 24 -2.94 7.96 5.01
N TRP A 25 -2.04 6.98 4.99
CA TRP A 25 -0.85 7.00 5.81
C TRP A 25 -0.11 8.31 5.56
N LEU A 26 -0.21 8.78 4.33
CA LEU A 26 0.41 10.02 3.91
C LEU A 26 -0.46 11.21 4.27
N LYS A 27 -1.78 11.00 4.27
CA LYS A 27 -2.73 12.06 4.60
C LYS A 27 -2.32 12.77 5.90
N GLU A 28 -1.78 11.99 6.83
CA GLU A 28 -1.34 12.52 8.11
C GLU A 28 0.10 13.03 8.02
N GLY A 29 0.88 12.42 7.13
CA GLY A 29 2.27 12.82 6.97
C GLY A 29 3.19 11.62 6.82
N GLY A 30 2.61 10.42 6.93
CA GLY A 30 3.37 9.19 6.79
C GLY A 30 4.77 9.28 7.37
N PRO A 31 5.74 9.59 6.53
CA PRO A 31 7.14 9.69 6.92
C PRO A 31 7.48 11.05 7.53
N SER A 32 6.65 11.50 8.47
CA SER A 32 6.87 12.78 9.14
C SER A 32 6.13 12.82 10.47
N SER A 33 5.93 11.65 11.07
CA SER A 33 5.24 11.55 12.35
C SER A 33 5.45 10.18 12.98
N GLY A 34 6.60 9.57 12.69
CA GLY A 34 6.90 8.26 13.24
C GLY A 34 5.78 7.27 12.99
N ARG A 35 5.58 6.90 11.73
CA ARG A 35 4.53 5.97 11.35
C ARG A 35 4.99 5.04 10.22
N PRO A 36 5.10 3.73 10.50
CA PRO A 36 5.51 2.74 9.50
C PRO A 36 4.59 2.74 8.29
N PRO A 37 5.12 2.99 7.08
CA PRO A 37 4.33 3.01 5.86
C PRO A 37 3.82 1.62 5.49
N PRO A 38 2.63 1.56 4.86
CA PRO A 38 2.03 0.27 4.44
C PRO A 38 2.84 -0.40 3.34
N SER A 39 2.24 -1.41 2.71
CA SER A 39 2.91 -2.14 1.64
C SER A 39 1.91 -2.57 0.58
N HIS A 1 5.07 -10.63 -19.08
CA HIS A 1 5.20 -9.38 -18.28
C HIS A 1 5.37 -9.68 -16.80
N GLY A 2 4.38 -10.37 -16.23
CA GLY A 2 4.43 -10.72 -14.82
C GLY A 2 3.56 -11.90 -14.48
N GLU A 3 4.12 -13.09 -14.58
CA GLU A 3 3.39 -14.32 -14.27
C GLU A 3 3.46 -14.65 -12.78
N GLY A 4 2.43 -15.30 -12.28
CA GLY A 4 2.39 -15.67 -10.87
C GLY A 4 1.00 -15.97 -10.38
N THR A 5 0.75 -17.22 -10.02
CA THR A 5 -0.56 -17.64 -9.52
C THR A 5 -0.58 -17.68 -8.00
N PHE A 6 -0.58 -16.50 -7.38
CA PHE A 6 -0.59 -16.40 -5.93
C PHE A 6 -0.66 -14.94 -5.48
N THR A 7 0.07 -14.08 -6.19
CA THR A 7 0.10 -12.66 -5.87
C THR A 7 -0.16 -11.82 -7.11
N SER A 8 -1.23 -11.01 -7.07
CA SER A 8 -1.59 -10.17 -8.19
C SER A 8 -2.65 -9.14 -7.80
N ASP A 9 -3.53 -9.52 -6.86
CA ASP A 9 -4.58 -8.62 -6.40
C ASP A 9 -4.14 -7.80 -5.21
N LEU A 10 -2.87 -7.41 -5.21
CA LEU A 10 -2.35 -6.57 -4.17
C LEU A 10 -1.72 -5.33 -4.77
N SER A 11 -1.98 -5.14 -6.05
CA SER A 11 -1.46 -4.02 -6.78
C SER A 11 -2.60 -3.20 -7.36
N LYS A 12 -3.70 -3.88 -7.65
CA LYS A 12 -4.87 -3.26 -8.21
C LYS A 12 -6.11 -3.52 -7.38
N GLN A 13 -6.00 -4.48 -6.48
CA GLN A 13 -7.13 -4.85 -5.65
C GLN A 13 -6.83 -4.60 -4.18
N MET A 14 -5.61 -4.88 -3.76
CA MET A 14 -5.25 -4.61 -2.36
C MET A 14 -4.45 -3.33 -2.32
N GLU A 15 -3.89 -2.98 -3.48
CA GLU A 15 -3.17 -1.74 -3.59
C GLU A 15 -4.18 -0.67 -3.94
N GLU A 16 -5.21 -1.04 -4.73
CA GLU A 16 -6.26 -0.08 -5.07
C GLU A 16 -6.75 0.56 -3.77
N GLU A 17 -6.80 -0.28 -2.73
CA GLU A 17 -7.18 0.16 -1.40
C GLU A 17 -5.93 0.59 -0.65
N VAL A 19 -3.48 2.14 -1.70
CA VAL A 19 -3.22 3.53 -2.03
C VAL A 19 -4.13 4.43 -1.21
N ARG A 20 -5.33 3.94 -0.91
CA ARG A 20 -6.28 4.69 -0.12
C ARG A 20 -5.75 4.85 1.31
N LEU A 21 -5.13 3.78 1.82
CA LEU A 21 -4.57 3.81 3.16
C LEU A 21 -3.13 4.30 3.12
N TYR A 22 -2.47 4.06 2.00
CA TYR A 22 -1.11 4.51 1.82
C TYR A 22 -1.13 6.01 1.75
N ILE A 23 -2.03 6.50 0.91
CA ILE A 23 -2.21 7.91 0.79
C ILE A 23 -2.73 8.45 2.12
N GLN A 24 -3.47 7.59 2.84
CA GLN A 24 -3.96 7.95 4.16
C GLN A 24 -2.76 8.13 5.07
N TRP A 25 -1.87 7.13 5.01
CA TRP A 25 -0.63 7.16 5.77
C TRP A 25 0.11 8.45 5.44
N LEU A 26 -0.09 8.91 4.20
CA LEU A 26 0.52 10.13 3.72
C LEU A 26 -0.34 11.34 4.10
N LYS A 27 -1.65 11.14 4.21
CA LYS A 27 -2.56 12.23 4.55
C LYS A 27 -2.03 13.00 5.76
N GLU A 28 -1.38 12.29 6.67
CA GLU A 28 -0.82 12.90 7.87
C GLU A 28 0.64 13.30 7.64
N GLY A 29 1.30 12.61 6.72
CA GLY A 29 2.69 12.90 6.44
C GLY A 29 3.55 11.68 6.64
N GLY A 30 2.93 10.50 6.47
CA GLY A 30 3.61 9.22 6.63
C GLY A 30 4.97 9.30 7.28
N PRO A 31 5.97 9.70 6.51
CA PRO A 31 7.34 9.83 7.00
C PRO A 31 7.56 11.08 7.85
N SER A 32 6.69 11.29 8.82
CA SER A 32 6.78 12.45 9.71
C SER A 32 5.65 12.43 10.73
N SER A 33 5.27 11.24 11.18
CA SER A 33 4.20 11.08 12.17
C SER A 33 4.60 10.10 13.26
N GLY A 34 5.23 9.00 12.86
CA GLY A 34 5.64 8.00 13.83
C GLY A 34 5.38 6.57 13.36
N ARG A 35 4.75 6.43 12.20
CA ARG A 35 4.45 5.12 11.66
C ARG A 35 5.12 4.92 10.30
N PRO A 36 5.32 3.66 9.89
CA PRO A 36 5.95 3.34 8.61
C PRO A 36 4.93 3.31 7.47
N PRO A 37 5.41 3.21 6.22
CA PRO A 37 4.57 3.17 5.04
C PRO A 37 4.01 1.77 4.76
N PRO A 38 2.73 1.69 4.35
CA PRO A 38 2.08 0.41 4.05
C PRO A 38 2.66 -0.25 2.81
N SER A 39 1.97 -1.28 2.32
CA SER A 39 2.42 -2.00 1.13
C SER A 39 3.84 -2.54 1.32
N HIS A 1 10.86 -11.90 -3.88
CA HIS A 1 12.12 -12.69 -4.03
C HIS A 1 11.83 -14.12 -4.49
N GLY A 2 11.12 -14.24 -5.60
CA GLY A 2 10.79 -15.56 -6.12
C GLY A 2 11.29 -15.77 -7.55
N GLU A 3 10.41 -16.27 -8.41
CA GLU A 3 10.77 -16.52 -9.80
C GLU A 3 10.17 -15.45 -10.71
N GLY A 4 8.88 -15.18 -10.53
CA GLY A 4 8.21 -14.18 -11.34
C GLY A 4 6.92 -13.70 -10.71
N THR A 5 6.02 -13.17 -11.55
CA THR A 5 4.73 -12.67 -11.07
C THR A 5 3.61 -13.65 -11.38
N PHE A 6 2.72 -13.85 -10.42
CA PHE A 6 1.60 -14.77 -10.60
C PHE A 6 0.27 -14.06 -10.32
N THR A 7 0.14 -13.49 -9.13
CA THR A 7 -1.07 -12.79 -8.74
C THR A 7 -1.24 -11.52 -9.56
N SER A 8 -2.26 -10.73 -9.20
CA SER A 8 -2.53 -9.48 -9.92
C SER A 8 -3.68 -8.72 -9.27
N ASP A 9 -3.80 -8.83 -7.95
CA ASP A 9 -4.87 -8.15 -7.22
C ASP A 9 -4.31 -7.42 -6.02
N LEU A 10 -3.07 -7.02 -6.12
CA LEU A 10 -2.43 -6.26 -5.06
C LEU A 10 -1.87 -4.97 -5.63
N SER A 11 -2.29 -4.68 -6.85
CA SER A 11 -1.87 -3.49 -7.54
C SER A 11 -3.07 -2.65 -7.92
N LYS A 12 -4.17 -3.34 -8.17
CA LYS A 12 -5.41 -2.72 -8.57
C LYS A 12 -6.56 -3.07 -7.63
N GLN A 13 -6.33 -4.10 -6.84
CA GLN A 13 -7.36 -4.56 -5.93
C GLN A 13 -6.92 -4.42 -4.48
N MET A 14 -5.66 -4.71 -4.19
CA MET A 14 -5.18 -4.55 -2.83
C MET A 14 -4.41 -3.25 -2.76
N GLU A 15 -3.96 -2.80 -3.93
CA GLU A 15 -3.27 -1.55 -4.01
C GLU A 15 -4.32 -0.47 -4.19
N GLU A 16 -5.43 -0.81 -4.90
CA GLU A 16 -6.51 0.15 -5.06
C GLU A 16 -6.89 0.69 -3.69
N GLU A 17 -6.86 -0.21 -2.71
CA GLU A 17 -7.13 0.12 -1.33
C GLU A 17 -5.83 0.55 -0.67
N VAL A 19 -3.42 2.23 -1.85
CA VAL A 19 -3.23 3.64 -2.09
C VAL A 19 -4.15 4.45 -1.20
N ARG A 20 -5.32 3.89 -0.89
CA ARG A 20 -6.29 4.56 -0.04
C ARG A 20 -5.73 4.68 1.38
N LEU A 21 -5.05 3.63 1.83
CA LEU A 21 -4.47 3.65 3.17
C LEU A 21 -3.04 4.14 3.13
N TYR A 22 -2.37 3.95 2.00
CA TYR A 22 -1.03 4.41 1.80
C TYR A 22 -1.07 5.91 1.75
N ILE A 23 -1.99 6.41 0.94
CA ILE A 23 -2.19 7.83 0.83
C ILE A 23 -2.68 8.33 2.19
N GLN A 24 -3.41 7.46 2.90
CA GLN A 24 -3.89 7.80 4.22
C GLN A 24 -2.68 7.96 5.12
N TRP A 25 -1.79 6.98 5.06
CA TRP A 25 -0.54 7.01 5.80
C TRP A 25 0.17 8.31 5.48
N LEU A 26 -0.05 8.80 4.25
CA LEU A 26 0.55 10.03 3.79
C LEU A 26 -0.32 11.22 4.17
N LYS A 27 -1.63 11.01 4.28
CA LYS A 27 -2.55 12.08 4.64
C LYS A 27 -2.05 12.81 5.89
N GLU A 28 -1.34 12.08 6.75
CA GLU A 28 -0.80 12.66 7.97
C GLU A 28 0.65 13.08 7.78
N GLY A 29 1.33 12.44 6.82
CA GLY A 29 2.72 12.76 6.57
C GLY A 29 3.60 11.55 6.73
N GLY A 30 3.00 10.37 6.56
CA GLY A 30 3.69 9.10 6.67
C GLY A 30 5.05 9.18 7.31
N PRO A 31 6.05 9.60 6.52
CA PRO A 31 7.43 9.73 6.98
C PRO A 31 7.64 10.96 7.84
N SER A 32 6.89 11.05 8.94
CA SER A 32 7.00 12.18 9.86
C SER A 32 6.01 12.06 11.00
N SER A 33 4.82 11.57 10.70
CA SER A 33 3.77 11.40 11.71
C SER A 33 4.25 10.52 12.85
N GLY A 34 5.15 9.58 12.54
CA GLY A 34 5.67 8.68 13.55
C GLY A 34 5.30 7.23 13.30
N ARG A 35 4.92 6.93 12.07
CA ARG A 35 4.52 5.57 11.70
C ARG A 35 5.21 5.14 10.41
N PRO A 36 5.22 3.84 10.13
CA PRO A 36 5.84 3.30 8.92
C PRO A 36 4.86 3.24 7.76
N PRO A 37 5.37 3.18 6.52
CA PRO A 37 4.55 3.12 5.32
C PRO A 37 4.02 1.72 5.04
N PRO A 38 2.78 1.61 4.54
CA PRO A 38 2.16 0.32 4.23
C PRO A 38 2.84 -0.39 3.05
N SER A 39 2.18 -1.42 2.53
CA SER A 39 2.73 -2.17 1.40
C SER A 39 2.19 -1.62 0.07
N HIS A 1 -0.20 -26.22 -2.37
CA HIS A 1 0.39 -25.31 -1.35
C HIS A 1 1.37 -24.33 -1.98
N GLY A 2 1.12 -23.96 -3.23
CA GLY A 2 1.98 -23.03 -3.92
C GLY A 2 1.26 -22.27 -5.03
N GLU A 3 0.47 -22.98 -5.81
CA GLU A 3 -0.28 -22.38 -6.90
C GLU A 3 0.66 -21.92 -8.02
N GLY A 4 1.44 -20.89 -7.73
CA GLY A 4 2.38 -20.37 -8.72
C GLY A 4 1.85 -19.13 -9.42
N THR A 5 0.54 -19.09 -9.64
CA THR A 5 -0.08 -17.95 -10.31
C THR A 5 -0.34 -16.82 -9.32
N PHE A 6 0.07 -15.62 -9.69
CA PHE A 6 -0.12 -14.44 -8.84
C PHE A 6 -1.59 -14.20 -8.57
N THR A 7 -1.88 -13.30 -7.62
CA THR A 7 -3.24 -12.97 -7.26
C THR A 7 -3.80 -11.88 -8.17
N SER A 8 -2.94 -10.97 -8.59
CA SER A 8 -3.33 -9.87 -9.46
C SER A 8 -4.39 -9.00 -8.80
N ASP A 9 -4.50 -9.09 -7.48
CA ASP A 9 -5.47 -8.29 -6.73
C ASP A 9 -4.81 -7.52 -5.61
N LEU A 10 -3.54 -7.21 -5.81
CA LEU A 10 -2.80 -6.43 -4.84
C LEU A 10 -2.25 -5.18 -5.50
N SER A 11 -2.73 -4.93 -6.71
CA SER A 11 -2.33 -3.78 -7.48
C SER A 11 -3.53 -2.93 -7.81
N LYS A 12 -4.67 -3.59 -7.96
CA LYS A 12 -5.91 -2.93 -8.30
C LYS A 12 -6.99 -3.23 -7.29
N GLN A 13 -6.72 -4.19 -6.43
CA GLN A 13 -7.70 -4.59 -5.43
C GLN A 13 -7.17 -4.44 -4.02
N MET A 14 -5.89 -4.75 -3.82
CA MET A 14 -5.31 -4.57 -2.50
C MET A 14 -4.48 -3.30 -2.52
N GLU A 15 -4.13 -2.89 -3.74
CA GLU A 15 -3.42 -1.66 -3.92
C GLU A 15 -4.44 -0.55 -4.06
N GLU A 16 -5.58 -0.87 -4.71
CA GLU A 16 -6.64 0.13 -4.85
C GLU A 16 -6.94 0.69 -3.46
N GLU A 17 -6.89 -0.19 -2.48
CA GLU A 17 -7.08 0.17 -1.08
C GLU A 17 -5.74 0.57 -0.50
N VAL A 19 -3.39 2.17 -1.81
CA VAL A 19 -3.20 3.59 -2.10
C VAL A 19 -4.11 4.41 -1.19
N ARG A 20 -5.30 3.86 -0.91
CA ARG A 20 -6.25 4.54 -0.04
C ARG A 20 -5.68 4.67 1.35
N LEU A 21 -4.95 3.64 1.80
CA LEU A 21 -4.35 3.67 3.13
C LEU A 21 -2.92 4.20 3.06
N TYR A 22 -2.29 4.00 1.91
CA TYR A 22 -0.94 4.49 1.69
C TYR A 22 -1.02 5.98 1.62
N ILE A 23 -1.97 6.44 0.83
CA ILE A 23 -2.21 7.85 0.70
C ILE A 23 -2.72 8.37 2.04
N GLN A 24 -3.43 7.48 2.77
CA GLN A 24 -3.91 7.83 4.11
C GLN A 24 -2.69 8.02 5.00
N TRP A 25 -1.78 7.05 4.91
CA TRP A 25 -0.53 7.11 5.64
C TRP A 25 0.17 8.42 5.32
N LEU A 26 -0.08 8.90 4.11
CA LEU A 26 0.48 10.14 3.63
C LEU A 26 -0.39 11.32 4.03
N LYS A 27 -1.70 11.09 4.13
CA LYS A 27 -2.64 12.14 4.50
C LYS A 27 -2.14 12.90 5.73
N GLU A 28 -1.48 12.18 6.63
CA GLU A 28 -0.94 12.78 7.85
C GLU A 28 0.50 13.23 7.63
N GLY A 29 1.20 12.57 6.71
CA GLY A 29 2.58 12.91 6.44
C GLY A 29 3.48 11.71 6.64
N GLY A 30 2.91 10.51 6.45
CA GLY A 30 3.63 9.26 6.58
C GLY A 30 4.97 9.38 7.24
N PRO A 31 5.97 9.83 6.49
CA PRO A 31 7.33 9.99 6.97
C PRO A 31 7.48 11.22 7.87
N SER A 32 6.83 11.19 9.03
CA SER A 32 6.89 12.30 9.97
C SER A 32 6.06 12.01 11.22
N SER A 33 4.97 11.25 11.06
CA SER A 33 4.11 10.92 12.18
C SER A 33 4.55 9.62 12.86
N GLY A 34 5.83 9.28 12.71
CA GLY A 34 6.34 8.06 13.33
C GLY A 34 5.53 6.83 12.96
N ARG A 35 4.87 6.88 11.81
CA ARG A 35 4.05 5.75 11.35
C ARG A 35 4.77 4.97 10.26
N PRO A 36 4.79 3.63 10.35
CA PRO A 36 5.44 2.77 9.36
C PRO A 36 4.63 2.66 8.07
N PRO A 37 5.08 3.33 6.99
CA PRO A 37 4.39 3.32 5.70
C PRO A 37 3.98 1.91 5.28
N PRO A 38 2.85 1.78 4.57
CA PRO A 38 2.35 0.48 4.12
C PRO A 38 3.17 -0.08 2.95
N SER A 39 2.64 -1.11 2.30
CA SER A 39 3.33 -1.73 1.17
C SER A 39 2.33 -2.29 0.16
N HIS A 1 10.90 -16.01 -14.59
CA HIS A 1 10.75 -16.60 -15.95
C HIS A 1 9.40 -16.23 -16.56
N GLY A 2 8.89 -15.07 -16.19
CA GLY A 2 7.61 -14.62 -16.71
C GLY A 2 6.76 -13.92 -15.67
N GLU A 3 5.80 -14.63 -15.11
CA GLU A 3 4.92 -14.07 -14.10
C GLU A 3 4.79 -15.02 -12.91
N GLY A 4 5.54 -14.73 -11.85
CA GLY A 4 5.50 -15.55 -10.66
C GLY A 4 4.67 -14.94 -9.55
N THR A 5 5.29 -14.06 -8.77
CA THR A 5 4.63 -13.37 -7.67
C THR A 5 3.81 -14.36 -6.82
N PHE A 6 2.96 -13.83 -5.95
CA PHE A 6 2.12 -14.65 -5.09
C PHE A 6 0.66 -14.30 -5.26
N THR A 7 0.37 -13.00 -5.29
CA THR A 7 -1.00 -12.52 -5.45
C THR A 7 -1.08 -11.45 -6.52
N SER A 8 -2.25 -11.34 -7.15
CA SER A 8 -2.46 -10.35 -8.20
C SER A 8 -3.48 -9.29 -7.77
N ASP A 9 -4.17 -9.54 -6.67
CA ASP A 9 -5.16 -8.60 -6.16
C ASP A 9 -4.55 -7.72 -5.09
N LEU A 10 -3.28 -7.41 -5.27
CA LEU A 10 -2.58 -6.54 -4.36
C LEU A 10 -2.09 -5.30 -5.09
N SER A 11 -2.51 -5.19 -6.34
CA SER A 11 -2.14 -4.08 -7.18
C SER A 11 -3.37 -3.28 -7.58
N LYS A 12 -4.48 -3.99 -7.71
CA LYS A 12 -5.73 -3.40 -8.09
C LYS A 12 -6.82 -3.64 -7.08
N GLN A 13 -6.53 -4.50 -6.13
CA GLN A 13 -7.51 -4.85 -5.11
C GLN A 13 -6.99 -4.59 -3.71
N MET A 14 -5.71 -4.87 -3.47
CA MET A 14 -5.16 -4.60 -2.16
C MET A 14 -4.35 -3.31 -2.26
N GLU A 15 -3.99 -2.97 -3.49
CA GLU A 15 -3.29 -1.75 -3.73
C GLU A 15 -4.34 -0.67 -3.98
N GLU A 16 -5.46 -1.05 -4.65
CA GLU A 16 -6.52 -0.09 -4.86
C GLU A 16 -6.88 0.55 -3.53
N GLU A 17 -6.85 -0.29 -2.49
CA GLU A 17 -7.10 0.13 -1.13
C GLU A 17 -5.78 0.56 -0.52
N VAL A 19 -3.41 2.16 -1.81
CA VAL A 19 -3.21 3.56 -2.12
C VAL A 19 -4.13 4.41 -1.25
N ARG A 20 -5.32 3.88 -0.98
CA ARG A 20 -6.28 4.58 -0.14
C ARG A 20 -5.73 4.73 1.27
N LEU A 21 -5.03 3.70 1.75
CA LEU A 21 -4.44 3.75 3.09
C LEU A 21 -3.02 4.25 3.03
N TYR A 22 -2.37 4.04 1.89
CA TYR A 22 -1.01 4.51 1.70
C TYR A 22 -1.07 6.00 1.60
N ILE A 23 -2.00 6.46 0.79
CA ILE A 23 -2.23 7.87 0.64
C ILE A 23 -2.74 8.40 1.97
N GLN A 24 -3.48 7.55 2.70
CA GLN A 24 -3.97 7.91 4.01
C GLN A 24 -2.77 8.10 4.92
N TRP A 25 -1.87 7.12 4.87
CA TRP A 25 -0.63 7.16 5.62
C TRP A 25 0.09 8.46 5.30
N LEU A 26 -0.14 8.93 4.07
CA LEU A 26 0.46 10.15 3.59
C LEU A 26 -0.40 11.36 3.97
N LYS A 27 -1.72 11.14 4.05
CA LYS A 27 -2.64 12.22 4.41
C LYS A 27 -2.16 12.95 5.66
N GLU A 28 -1.53 12.21 6.55
CA GLU A 28 -1.00 12.77 7.78
C GLU A 28 0.45 13.20 7.62
N GLY A 29 1.16 12.57 6.69
CA GLY A 29 2.56 12.90 6.46
C GLY A 29 3.45 11.69 6.63
N GLY A 30 2.86 10.51 6.48
CA GLY A 30 3.57 9.24 6.58
C GLY A 30 4.91 9.34 7.26
N PRO A 31 5.92 9.76 6.49
CA PRO A 31 7.29 9.89 6.97
C PRO A 31 7.49 11.16 7.82
N SER A 32 6.68 11.30 8.85
CA SER A 32 6.78 12.46 9.74
C SER A 32 5.77 12.36 10.89
N SER A 33 5.56 11.14 11.37
CA SER A 33 4.62 10.91 12.47
C SER A 33 4.85 9.54 13.11
N GLY A 34 6.10 9.08 13.07
CA GLY A 34 6.43 7.78 13.65
C GLY A 34 5.48 6.68 13.19
N ARG A 35 5.10 6.72 11.92
CA ARG A 35 4.19 5.73 11.37
C ARG A 35 4.88 4.92 10.26
N PRO A 36 4.83 3.58 10.35
CA PRO A 36 5.45 2.70 9.34
C PRO A 36 4.61 2.62 8.07
N PRO A 37 5.06 3.27 6.98
CA PRO A 37 4.33 3.27 5.71
C PRO A 37 3.90 1.85 5.29
N PRO A 38 2.75 1.75 4.61
CA PRO A 38 2.22 0.46 4.15
C PRO A 38 3.02 -0.11 2.98
N SER A 39 2.47 -1.14 2.34
CA SER A 39 3.13 -1.78 1.21
C SER A 39 2.80 -1.04 -0.09
N HIS A 1 10.13 -14.79 -11.98
CA HIS A 1 9.95 -13.50 -11.24
C HIS A 1 8.49 -13.09 -11.21
N GLY A 2 7.95 -12.72 -12.36
CA GLY A 2 6.56 -12.29 -12.45
C GLY A 2 5.61 -13.39 -11.99
N GLU A 3 4.32 -13.06 -11.96
CA GLU A 3 3.29 -14.01 -11.55
C GLU A 3 3.41 -14.33 -10.06
N GLY A 4 4.47 -15.05 -9.71
CA GLY A 4 4.68 -15.41 -8.31
C GLY A 4 3.82 -16.59 -7.89
N THR A 5 3.09 -16.42 -6.78
CA THR A 5 2.23 -17.46 -6.27
C THR A 5 1.13 -16.88 -5.38
N PHE A 6 1.53 -16.02 -4.46
CA PHE A 6 0.59 -15.39 -3.54
C PHE A 6 0.70 -13.87 -3.61
N THR A 7 1.01 -13.35 -4.78
CA THR A 7 1.15 -11.91 -4.98
C THR A 7 0.67 -11.51 -6.37
N SER A 8 -0.38 -10.68 -6.41
CA SER A 8 -0.94 -10.21 -7.67
C SER A 8 -2.09 -9.24 -7.41
N ASP A 9 -2.90 -9.53 -6.41
CA ASP A 9 -4.03 -8.67 -6.06
C ASP A 9 -3.66 -7.73 -4.92
N LEU A 10 -2.40 -7.36 -4.87
CA LEU A 10 -1.94 -6.43 -3.87
C LEU A 10 -1.37 -5.20 -4.54
N SER A 11 -1.58 -5.12 -5.84
CA SER A 11 -1.10 -4.01 -6.62
C SER A 11 -2.27 -3.27 -7.27
N LYS A 12 -3.33 -4.03 -7.53
CA LYS A 12 -4.52 -3.48 -8.16
C LYS A 12 -5.75 -3.76 -7.35
N GLN A 13 -5.62 -4.64 -6.38
CA GLN A 13 -6.75 -5.01 -5.54
C GLN A 13 -6.50 -4.72 -4.08
N MET A 14 -5.27 -4.91 -3.62
CA MET A 14 -4.96 -4.58 -2.24
C MET A 14 -4.20 -3.28 -2.22
N GLU A 15 -3.66 -2.92 -3.39
CA GLU A 15 -2.99 -1.66 -3.53
C GLU A 15 -4.02 -0.65 -3.98
N GLU A 16 -5.00 -1.09 -4.79
CA GLU A 16 -6.07 -0.18 -5.22
C GLU A 16 -6.63 0.49 -3.97
N GLU A 17 -6.68 -0.30 -2.89
CA GLU A 17 -7.12 0.16 -1.60
C GLU A 17 -5.90 0.63 -0.80
N VAL A 19 -3.49 2.19 -1.75
CA VAL A 19 -3.24 3.59 -2.08
C VAL A 19 -4.15 4.48 -1.25
N ARG A 20 -5.35 3.97 -0.95
CA ARG A 20 -6.31 4.71 -0.15
C ARG A 20 -5.79 4.86 1.27
N LEU A 21 -5.15 3.80 1.77
CA LEU A 21 -4.59 3.81 3.12
C LEU A 21 -3.16 4.29 3.09
N TYR A 22 -2.49 4.08 1.96
CA TYR A 22 -1.12 4.53 1.79
C TYR A 22 -1.15 6.03 1.74
N ILE A 23 -2.05 6.54 0.91
CA ILE A 23 -2.24 7.95 0.80
C ILE A 23 -2.75 8.46 2.14
N GLN A 24 -3.48 7.59 2.86
CA GLN A 24 -3.97 7.91 4.19
C GLN A 24 -2.77 8.06 5.10
N TRP A 25 -1.88 7.08 5.02
CA TRP A 25 -0.63 7.10 5.78
C TRP A 25 0.09 8.40 5.48
N LEU A 26 -0.12 8.88 4.26
CA LEU A 26 0.48 10.12 3.80
C LEU A 26 -0.38 11.31 4.21
N LYS A 27 -1.69 11.11 4.30
CA LYS A 27 -2.61 12.17 4.68
C LYS A 27 -2.10 12.90 5.93
N GLU A 28 -1.42 12.16 6.79
CA GLU A 28 -0.88 12.72 8.02
C GLU A 28 0.57 13.14 7.83
N GLY A 29 1.25 12.51 6.87
CA GLY A 29 2.64 12.84 6.61
C GLY A 29 3.52 11.61 6.74
N GLY A 30 2.91 10.44 6.58
CA GLY A 30 3.61 9.16 6.67
C GLY A 30 4.97 9.23 7.31
N PRO A 31 5.96 9.65 6.52
CA PRO A 31 7.35 9.76 6.97
C PRO A 31 7.58 11.00 7.83
N SER A 32 6.86 11.07 8.95
CA SER A 32 6.98 12.20 9.87
C SER A 32 6.12 12.01 11.10
N SER A 33 4.92 11.47 10.91
CA SER A 33 3.99 11.23 12.00
C SER A 33 4.60 10.28 13.03
N GLY A 34 5.40 9.33 12.56
CA GLY A 34 6.03 8.37 13.45
C GLY A 34 5.75 6.93 13.05
N ARG A 35 4.84 6.74 12.11
CA ARG A 35 4.49 5.40 11.65
C ARG A 35 5.18 5.10 10.32
N PRO A 36 5.27 3.81 9.96
CA PRO A 36 5.89 3.38 8.71
C PRO A 36 4.88 3.32 7.57
N PRO A 37 5.37 3.28 6.32
CA PRO A 37 4.52 3.23 5.13
C PRO A 37 3.99 1.82 4.86
N PRO A 38 2.72 1.71 4.43
CA PRO A 38 2.09 0.41 4.13
C PRO A 38 2.80 -0.31 2.98
N SER A 39 2.15 -1.34 2.46
CA SER A 39 2.71 -2.11 1.35
C SER A 39 1.66 -3.06 0.76
N HIS A 1 -2.91 -12.87 -19.65
CA HIS A 1 -1.47 -13.19 -19.77
C HIS A 1 -0.67 -12.64 -18.58
N GLY A 2 -1.08 -13.03 -17.38
CA GLY A 2 -0.40 -12.57 -16.18
C GLY A 2 -0.78 -13.38 -14.96
N GLU A 3 -0.79 -14.70 -15.10
CA GLU A 3 -1.14 -15.58 -13.99
C GLU A 3 0.07 -16.38 -13.52
N GLY A 4 0.09 -16.73 -12.24
CA GLY A 4 1.20 -17.49 -11.69
C GLY A 4 1.41 -17.22 -10.22
N THR A 5 2.60 -16.73 -9.87
CA THR A 5 2.93 -16.43 -8.49
C THR A 5 2.16 -15.21 -8.00
N PHE A 6 2.34 -14.87 -6.72
CA PHE A 6 1.67 -13.73 -6.13
C PHE A 6 2.04 -12.44 -6.86
N THR A 7 1.70 -11.31 -6.25
CA THR A 7 1.99 -10.00 -6.85
C THR A 7 1.00 -9.66 -7.96
N SER A 8 -0.28 -9.92 -7.72
CA SER A 8 -1.32 -9.66 -8.70
C SER A 8 -2.49 -8.89 -8.10
N ASP A 9 -2.89 -9.26 -6.89
CA ASP A 9 -4.02 -8.59 -6.23
C ASP A 9 -3.56 -7.69 -5.10
N LEU A 10 -2.35 -7.17 -5.22
CA LEU A 10 -1.84 -6.25 -4.24
C LEU A 10 -1.37 -4.99 -4.94
N SER A 11 -1.80 -4.85 -6.19
CA SER A 11 -1.47 -3.71 -7.00
C SER A 11 -2.74 -3.03 -7.49
N LYS A 12 -3.77 -3.84 -7.65
CA LYS A 12 -5.05 -3.37 -8.12
C LYS A 12 -6.18 -3.71 -7.16
N GLN A 13 -5.88 -4.60 -6.24
CA GLN A 13 -6.87 -5.05 -5.28
C GLN A 13 -6.47 -4.74 -3.85
N MET A 14 -5.19 -4.90 -3.55
CA MET A 14 -4.73 -4.57 -2.21
C MET A 14 -4.06 -3.22 -2.27
N GLU A 15 -3.70 -2.82 -3.48
CA GLU A 15 -3.11 -1.52 -3.70
C GLU A 15 -4.24 -0.56 -3.99
N GLU A 16 -5.30 -1.04 -4.68
CA GLU A 16 -6.45 -0.18 -4.94
C GLU A 16 -6.90 0.42 -3.63
N GLU A 17 -6.78 -0.38 -2.58
CA GLU A 17 -7.10 0.01 -1.22
C GLU A 17 -5.82 0.53 -0.56
N VAL A 19 -3.46 2.22 -1.75
CA VAL A 19 -3.30 3.63 -2.07
C VAL A 19 -4.21 4.47 -1.19
N ARG A 20 -5.38 3.91 -0.88
CA ARG A 20 -6.34 4.60 -0.04
C ARG A 20 -5.79 4.76 1.38
N LEU A 21 -5.09 3.72 1.85
CA LEU A 21 -4.50 3.76 3.18
C LEU A 21 -3.07 4.26 3.13
N TYR A 22 -2.42 4.05 1.99
CA TYR A 22 -1.07 4.52 1.79
C TYR A 22 -1.12 6.02 1.72
N ILE A 23 -2.04 6.50 0.90
CA ILE A 23 -2.24 7.90 0.77
C ILE A 23 -2.73 8.43 2.11
N GLN A 24 -3.45 7.57 2.84
CA GLN A 24 -3.92 7.92 4.18
C GLN A 24 -2.70 8.10 5.07
N TRP A 25 -1.83 7.10 5.00
CA TRP A 25 -0.57 7.13 5.74
C TRP A 25 0.16 8.43 5.40
N LEU A 26 -0.09 8.90 4.18
CA LEU A 26 0.50 10.13 3.69
C LEU A 26 -0.36 11.33 4.08
N LYS A 27 -1.67 11.13 4.17
CA LYS A 27 -2.58 12.21 4.54
C LYS A 27 -2.09 12.94 5.78
N GLU A 28 -1.37 12.22 6.64
CA GLU A 28 -0.82 12.79 7.86
C GLU A 28 0.63 13.21 7.68
N GLY A 29 1.31 12.56 6.72
CA GLY A 29 2.70 12.88 6.47
C GLY A 29 3.59 11.66 6.64
N GLY A 30 2.97 10.48 6.49
CA GLY A 30 3.66 9.20 6.60
C GLY A 30 5.03 9.29 7.23
N PRO A 31 6.03 9.70 6.46
CA PRO A 31 7.40 9.82 6.91
C PRO A 31 7.63 11.07 7.76
N SER A 32 6.89 11.17 8.86
CA SER A 32 7.01 12.31 9.76
C SER A 32 6.11 12.13 10.98
N SER A 33 4.87 11.71 10.74
CA SER A 33 3.91 11.50 11.82
C SER A 33 4.44 10.49 12.83
N GLY A 34 4.99 9.38 12.33
CA GLY A 34 5.53 8.36 13.21
C GLY A 34 4.83 7.03 13.03
N ARG A 35 5.16 6.33 11.95
CA ARG A 35 4.57 5.03 11.67
C ARG A 35 5.20 4.39 10.43
N PRO A 36 5.21 3.05 10.36
CA PRO A 36 5.79 2.32 9.24
C PRO A 36 4.86 2.30 8.03
N PRO A 37 5.19 3.05 6.97
CA PRO A 37 4.36 3.12 5.76
C PRO A 37 3.90 1.74 5.30
N PRO A 38 2.74 1.68 4.60
CA PRO A 38 2.19 0.42 4.11
C PRO A 38 2.93 -0.10 2.88
N SER A 39 2.34 -1.10 2.22
CA SER A 39 2.95 -1.68 1.02
C SER A 39 2.89 -0.71 -0.15
#